data_9KBB
#
_entry.id   9KBB
#
_cell.length_a   75.279
_cell.length_b   61.652
_cell.length_c   60.634
_cell.angle_alpha   90.00
_cell.angle_beta   92.21
_cell.angle_gamma   90.00
#
_symmetry.space_group_name_H-M   'C 1 2 1'
#
loop_
_entity.id
_entity.type
_entity.pdbx_description
1 polymer '3-hydroxyisobutyrate dehydrogenase'
2 non-polymer 'NADP NICOTINAMIDE-ADENINE-DINUCLEOTIDE PHOSPHATE'
3 water water
#
_entity_poly.entity_id   1
_entity_poly.type   'polypeptide(L)'
_entity_poly.pdbx_seq_one_letter_code
;RPVTVLGLGAMGRALAGALVAAGHPTTVWNRTPGRAAALTAAGATEAGTAAEAVAAGDLVVVCLLDDEVTRQVLALVAPV
LAGRTLVNLTNGTPEQARRLAEWATSHGADHLDGGIMAVPAMIGQPGALILYSGPEDVFRAGRETLAAFGAAHWLGADPG
AAALHDLALLAAMYGMFGGYLHAVAMIRAAGVPATGFTPLATDWLTAMLGALPALARGVDSGDHAADGSAVGMQAAAFGN
LLAASREGGVSTSLLEPVRRLLDDAVRAGHGADGLSALVDLLRQS
;
_entity_poly.pdbx_strand_id   A
#
loop_
_chem_comp.id
_chem_comp.type
_chem_comp.name
_chem_comp.formula
NAP non-polymer 'NADP NICOTINAMIDE-ADENINE-DINUCLEOTIDE PHOSPHATE' 'C21 H28 N7 O17 P3'
#
# COMPACT_ATOMS: atom_id res chain seq x y z
N ARG A 1 -25.64 -1.89 -8.34
CA ARG A 1 -25.78 -1.30 -7.01
C ARG A 1 -25.58 0.21 -7.02
N PRO A 2 -26.44 0.93 -6.29
CA PRO A 2 -26.17 2.35 -6.04
C PRO A 2 -25.02 2.49 -5.06
N VAL A 3 -24.15 3.45 -5.34
CA VAL A 3 -22.89 3.57 -4.61
C VAL A 3 -22.75 4.99 -4.09
N THR A 4 -22.00 5.11 -2.99
CA THR A 4 -21.75 6.37 -2.31
C THR A 4 -20.26 6.52 -2.05
N VAL A 5 -19.72 7.71 -2.27
CA VAL A 5 -18.33 8.01 -1.98
C VAL A 5 -18.30 9.13 -0.96
N LEU A 6 -17.58 8.90 0.15
CA LEU A 6 -17.39 9.90 1.19
C LEU A 6 -15.94 10.39 1.10
N GLY A 7 -15.76 11.63 0.64
CA GLY A 7 -14.42 12.19 0.49
C GLY A 7 -14.09 12.48 -0.96
N LEU A 8 -13.87 13.75 -1.28
CA LEU A 8 -13.58 14.17 -2.65
C LEU A 8 -12.26 14.92 -2.74
N GLY A 9 -11.24 14.40 -2.07
CA GLY A 9 -9.88 14.82 -2.35
C GLY A 9 -9.43 14.28 -3.68
N ALA A 10 -8.11 14.27 -3.93
CA ALA A 10 -7.60 13.79 -5.21
C ALA A 10 -8.04 12.35 -5.46
N MET A 11 -7.84 11.46 -4.48
CA MET A 11 -8.17 10.06 -4.67
C MET A 11 -9.68 9.84 -4.70
N GLY A 12 -10.41 10.50 -3.80
CA GLY A 12 -11.86 10.33 -3.75
C GLY A 12 -12.53 10.74 -5.05
N ARG A 13 -12.08 11.84 -5.64
CA ARG A 13 -12.64 12.28 -6.91
C ARG A 13 -12.35 11.28 -8.03
N ALA A 14 -11.14 10.74 -8.06
CA ALA A 14 -10.84 9.71 -9.05
C ALA A 14 -11.72 8.49 -8.85
N LEU A 15 -11.93 8.08 -7.60
CA LEU A 15 -12.79 6.95 -7.30
C LEU A 15 -14.20 7.19 -7.79
N ALA A 16 -14.77 8.35 -7.43
CA ALA A 16 -16.14 8.67 -7.86
C ALA A 16 -16.22 8.78 -9.37
N GLY A 17 -15.21 9.40 -10.00
CA GLY A 17 -15.22 9.54 -11.45
C GLY A 17 -15.21 8.20 -12.16
N ALA A 18 -14.47 7.23 -11.62
CA ALA A 18 -14.45 5.89 -12.21
C ALA A 18 -15.82 5.23 -12.08
N LEU A 19 -16.50 5.41 -10.95
CA LEU A 19 -17.83 4.85 -10.76
C LEU A 19 -18.82 5.48 -11.73
N VAL A 20 -18.77 6.80 -11.87
CA VAL A 20 -19.67 7.50 -12.78
C VAL A 20 -19.46 7.00 -14.21
N ALA A 21 -18.19 6.98 -14.66
CA ALA A 21 -17.89 6.59 -16.03
C ALA A 21 -18.27 5.14 -16.31
N ALA A 22 -18.37 4.29 -15.29
CA ALA A 22 -18.82 2.92 -15.48
C ALA A 22 -20.33 2.79 -15.49
N GLY A 23 -21.07 3.85 -15.16
CA GLY A 23 -22.51 3.81 -15.16
C GLY A 23 -23.15 3.57 -13.81
N HIS A 24 -22.36 3.43 -12.75
CA HIS A 24 -22.93 3.23 -11.43
C HIS A 24 -23.67 4.48 -10.97
N PRO A 25 -24.92 4.34 -10.49
CA PRO A 25 -25.57 5.48 -9.83
C PRO A 25 -24.77 5.89 -8.61
N THR A 26 -24.12 7.04 -8.67
CA THR A 26 -23.14 7.46 -7.67
C THR A 26 -23.62 8.72 -6.95
N THR A 27 -23.61 8.67 -5.63
CA THR A 27 -23.87 9.81 -4.78
C THR A 27 -22.60 10.15 -4.00
N VAL A 28 -22.23 11.43 -3.97
CA VAL A 28 -20.97 11.83 -3.36
C VAL A 28 -21.21 12.87 -2.28
N TRP A 29 -20.28 12.93 -1.34
CA TRP A 29 -20.30 13.95 -0.30
C TRP A 29 -18.87 14.36 0.03
N ASN A 30 -18.72 15.60 0.44
CA ASN A 30 -17.44 16.14 0.86
C ASN A 30 -17.71 17.26 1.85
N ARG A 31 -16.78 17.42 2.81
CA ARG A 31 -16.92 18.48 3.81
C ARG A 31 -16.95 19.86 3.15
N THR A 32 -15.94 20.17 2.38
CA THR A 32 -15.85 21.48 1.73
C THR A 32 -16.61 21.48 0.42
N PRO A 33 -17.47 22.46 0.17
CA PRO A 33 -18.24 22.48 -1.07
C PRO A 33 -17.38 22.89 -2.26
N GLY A 34 -17.87 22.53 -3.45
CA GLY A 34 -17.23 22.90 -4.69
C GLY A 34 -16.29 21.86 -5.28
N ARG A 35 -16.32 20.62 -4.77
CA ARG A 35 -15.42 19.57 -5.23
C ARG A 35 -16.11 18.58 -6.15
N ALA A 36 -17.41 18.75 -6.40
CA ALA A 36 -18.18 17.80 -7.18
C ALA A 36 -18.73 18.41 -8.47
N ALA A 37 -18.16 19.53 -8.92
CA ALA A 37 -18.67 20.21 -10.12
C ALA A 37 -18.63 19.29 -11.34
N ALA A 38 -17.45 18.75 -11.65
CA ALA A 38 -17.35 17.85 -12.80
C ALA A 38 -18.07 16.55 -12.56
N LEU A 39 -18.04 16.05 -11.32
CA LEU A 39 -18.72 14.80 -11.00
C LEU A 39 -20.22 14.93 -11.22
N THR A 40 -20.82 15.98 -10.67
CA THR A 40 -22.24 16.22 -10.90
C THR A 40 -22.54 16.44 -12.38
N ALA A 41 -21.64 17.15 -13.08
CA ALA A 41 -21.85 17.37 -14.50
C ALA A 41 -21.88 16.06 -15.28
N ALA A 42 -21.13 15.05 -14.81
CA ALA A 42 -21.02 13.78 -15.51
C ALA A 42 -22.09 12.77 -15.09
N GLY A 43 -23.00 13.14 -14.18
CA GLY A 43 -24.07 12.26 -13.77
C GLY A 43 -24.11 11.95 -12.29
N ALA A 44 -23.17 12.43 -11.48
CA ALA A 44 -23.20 12.15 -10.05
C ALA A 44 -24.19 13.07 -9.33
N THR A 45 -24.52 12.70 -8.10
CA THR A 45 -25.40 13.47 -7.24
C THR A 45 -24.64 13.81 -5.97
N GLU A 46 -24.58 15.09 -5.64
CA GLU A 46 -23.85 15.54 -4.45
C GLU A 46 -24.84 15.74 -3.30
N ALA A 47 -24.71 14.92 -2.26
CA ALA A 47 -25.52 15.08 -1.06
C ALA A 47 -24.96 16.20 -0.20
N GLY A 48 -25.86 16.84 0.56
CA GLY A 48 -25.44 17.88 1.47
C GLY A 48 -24.84 17.39 2.77
N THR A 49 -25.12 16.14 3.14
CA THR A 49 -24.63 15.58 4.39
C THR A 49 -24.08 14.18 4.14
N ALA A 50 -23.16 13.75 5.00
CA ALA A 50 -22.65 12.39 4.93
C ALA A 50 -23.78 11.37 5.12
N ALA A 51 -24.68 11.64 6.08
CA ALA A 51 -25.77 10.70 6.36
C ALA A 51 -26.68 10.55 5.15
N GLU A 52 -27.02 11.68 4.51
CA GLU A 52 -27.77 11.66 3.26
C GLU A 52 -27.08 10.75 2.23
N ALA A 53 -25.79 11.01 1.99
CA ALA A 53 -25.03 10.20 1.04
C ALA A 53 -25.07 8.73 1.40
N VAL A 54 -24.86 8.42 2.68
CA VAL A 54 -24.85 7.03 3.12
C VAL A 54 -26.21 6.39 2.87
N ALA A 55 -27.29 7.13 3.12
CA ALA A 55 -28.63 6.60 2.93
C ALA A 55 -28.93 6.30 1.47
N ALA A 56 -28.19 6.90 0.54
CA ALA A 56 -28.43 6.71 -0.89
C ALA A 56 -27.55 5.62 -1.51
N GLY A 57 -26.87 4.83 -0.68
CA GLY A 57 -25.99 3.79 -1.22
C GLY A 57 -26.02 2.49 -0.46
N ASP A 58 -26.04 1.38 -1.21
CA ASP A 58 -25.92 0.07 -0.58
C ASP A 58 -24.47 -0.26 -0.30
N LEU A 59 -23.55 0.38 -1.01
CA LEU A 59 -22.11 0.21 -0.84
C LEU A 59 -21.50 1.59 -0.62
N VAL A 60 -20.84 1.77 0.52
CA VAL A 60 -20.32 3.07 0.93
C VAL A 60 -18.81 3.05 0.86
N VAL A 61 -18.25 3.76 -0.11
CA VAL A 61 -16.81 3.86 -0.29
C VAL A 61 -16.31 5.11 0.42
N VAL A 62 -15.31 4.94 1.27
CA VAL A 62 -14.77 6.03 2.07
C VAL A 62 -13.33 6.26 1.66
N CYS A 63 -12.97 7.52 1.43
CA CYS A 63 -11.60 7.89 1.08
C CYS A 63 -11.34 9.29 1.65
N LEU A 64 -11.05 9.34 2.94
CA LEU A 64 -10.77 10.60 3.61
C LEU A 64 -9.27 10.73 3.88
N LEU A 65 -8.90 11.74 4.66
CA LEU A 65 -7.49 12.06 4.84
C LEU A 65 -6.77 10.99 5.65
N ASP A 66 -7.40 10.50 6.71
CA ASP A 66 -6.75 9.54 7.60
C ASP A 66 -7.82 8.81 8.40
N ASP A 67 -7.36 7.85 9.20
CA ASP A 67 -8.29 7.01 9.95
C ASP A 67 -9.04 7.79 11.03
N GLU A 68 -8.44 8.85 11.56
CA GLU A 68 -9.10 9.65 12.59
C GLU A 68 -10.27 10.44 12.01
N VAL A 69 -10.07 11.03 10.83
CA VAL A 69 -11.19 11.69 10.14
C VAL A 69 -12.25 10.66 9.77
N THR A 70 -11.81 9.50 9.28
CA THR A 70 -12.74 8.44 8.90
C THR A 70 -13.65 8.06 10.04
N ARG A 71 -13.07 7.82 11.22
CA ARG A 71 -13.86 7.38 12.37
C ARG A 71 -14.81 8.48 12.83
N GLN A 72 -14.45 9.75 12.64
CA GLN A 72 -15.32 10.83 13.04
C GLN A 72 -16.55 10.92 12.13
N VAL A 73 -16.32 10.95 10.82
CA VAL A 73 -17.42 11.02 9.85
C VAL A 73 -18.35 9.83 10.04
N LEU A 74 -17.79 8.63 10.20
CA LEU A 74 -18.62 7.44 10.31
C LEU A 74 -19.46 7.45 11.59
N ALA A 75 -18.88 7.90 12.71
CA ALA A 75 -19.63 7.96 13.95
C ALA A 75 -20.90 8.79 13.79
N LEU A 76 -20.83 9.85 13.00
CA LEU A 76 -22.00 10.67 12.74
C LEU A 76 -23.06 9.92 11.93
N VAL A 77 -22.63 8.98 11.07
CA VAL A 77 -23.56 8.25 10.20
C VAL A 77 -23.91 6.87 10.73
N ALA A 78 -23.45 6.52 11.93
CA ALA A 78 -23.70 5.19 12.48
C ALA A 78 -25.17 4.77 12.45
N PRO A 79 -26.15 5.62 12.78
CA PRO A 79 -27.55 5.14 12.79
C PRO A 79 -28.06 4.67 11.44
N VAL A 80 -27.37 5.00 10.34
CA VAL A 80 -27.90 4.70 9.01
C VAL A 80 -27.06 3.66 8.29
N LEU A 81 -26.06 3.09 8.94
CA LEU A 81 -25.16 2.15 8.31
C LEU A 81 -25.74 0.75 8.19
N ALA A 82 -26.87 0.48 8.85
CA ALA A 82 -27.41 -0.88 8.90
C ALA A 82 -27.74 -1.38 7.51
N GLY A 83 -27.32 -2.61 7.22
CA GLY A 83 -27.61 -3.26 5.96
C GLY A 83 -26.68 -2.91 4.82
N ARG A 84 -25.81 -1.91 4.97
CA ARG A 84 -24.91 -1.49 3.92
C ARG A 84 -23.55 -2.17 4.08
N THR A 85 -22.74 -2.09 3.02
CA THR A 85 -21.37 -2.57 3.04
C THR A 85 -20.42 -1.38 3.05
N LEU A 86 -19.52 -1.35 4.03
CA LEU A 86 -18.56 -0.27 4.17
C LEU A 86 -17.22 -0.70 3.58
N VAL A 87 -16.72 0.08 2.63
CA VAL A 87 -15.44 -0.19 1.97
C VAL A 87 -14.54 1.01 2.21
N ASN A 88 -13.58 0.85 3.13
CA ASN A 88 -12.71 1.94 3.52
C ASN A 88 -11.46 1.92 2.65
N LEU A 89 -11.37 2.84 1.70
CA LEU A 89 -10.19 3.00 0.87
C LEU A 89 -9.23 4.06 1.40
N THR A 90 -9.53 4.64 2.56
CA THR A 90 -8.55 5.46 3.26
C THR A 90 -7.39 4.58 3.70
N ASN A 91 -6.17 5.09 3.57
CA ASN A 91 -5.02 4.32 4.03
C ASN A 91 -5.00 4.27 5.54
N GLY A 92 -4.55 3.13 6.08
CA GLY A 92 -4.52 2.95 7.51
C GLY A 92 -3.70 1.72 7.86
N THR A 93 -3.77 1.35 9.13
CA THR A 93 -3.01 0.21 9.62
C THR A 93 -3.87 -1.04 9.69
N PRO A 94 -3.25 -2.22 9.80
CA PRO A 94 -4.06 -3.44 9.94
C PRO A 94 -4.98 -3.43 11.16
N GLU A 95 -4.49 -2.91 12.30
CA GLU A 95 -5.32 -2.92 13.50
C GLU A 95 -6.49 -1.95 13.38
N GLN A 96 -6.26 -0.79 12.78
CA GLN A 96 -7.35 0.16 12.55
C GLN A 96 -8.44 -0.47 11.69
N ALA A 97 -8.04 -1.26 10.69
CA ALA A 97 -9.03 -1.94 9.85
C ALA A 97 -9.82 -2.98 10.64
N ARG A 98 -9.12 -3.73 11.51
CA ARG A 98 -9.80 -4.76 12.31
C ARG A 98 -10.74 -4.13 13.33
N ARG A 99 -10.37 -2.96 13.86
CA ARG A 99 -11.25 -2.26 14.80
C ARG A 99 -12.47 -1.70 14.09
N LEU A 100 -12.30 -1.23 12.85
CA LEU A 100 -13.42 -0.71 12.09
C LEU A 100 -14.40 -1.82 11.72
N ALA A 101 -13.88 -3.01 11.41
CA ALA A 101 -14.75 -4.14 11.11
C ALA A 101 -15.66 -4.45 12.30
N GLU A 102 -15.10 -4.46 13.51
CA GLU A 102 -15.91 -4.73 14.69
C GLU A 102 -16.93 -3.63 14.93
N TRP A 103 -16.51 -2.36 14.77
CA TRP A 103 -17.42 -1.24 14.95
C TRP A 103 -18.53 -1.26 13.91
N ALA A 104 -18.18 -1.51 12.65
CA ALA A 104 -19.21 -1.58 11.61
C ALA A 104 -20.20 -2.69 11.91
N THR A 105 -19.70 -3.86 12.34
CA THR A 105 -20.60 -4.97 12.69
C THR A 105 -21.55 -4.56 13.81
N SER A 106 -21.06 -3.73 14.75
CA SER A 106 -21.89 -3.27 15.85
C SER A 106 -23.05 -2.40 15.39
N HIS A 107 -22.96 -1.82 14.18
CA HIS A 107 -24.03 -0.99 13.62
C HIS A 107 -24.71 -1.65 12.44
N GLY A 108 -24.63 -2.98 12.33
CA GLY A 108 -25.38 -3.71 11.33
C GLY A 108 -24.84 -3.64 9.93
N ALA A 109 -23.57 -3.25 9.76
CA ALA A 109 -22.99 -3.08 8.44
C ALA A 109 -21.88 -4.09 8.19
N ASP A 110 -21.75 -4.48 6.92
CA ASP A 110 -20.62 -5.26 6.45
C ASP A 110 -19.41 -4.36 6.26
N HIS A 111 -18.24 -4.96 6.10
CA HIS A 111 -17.04 -4.15 5.99
C HIS A 111 -15.97 -4.82 5.16
N LEU A 112 -15.30 -4.03 4.33
CA LEU A 112 -14.10 -4.41 3.60
C LEU A 112 -13.08 -3.31 3.78
N ASP A 113 -11.83 -3.67 4.07
CA ASP A 113 -10.76 -2.69 4.00
C ASP A 113 -10.09 -2.78 2.63
N GLY A 114 -9.66 -1.63 2.14
CA GLY A 114 -8.96 -1.58 0.87
C GLY A 114 -7.69 -0.78 1.00
N GLY A 115 -6.66 -1.20 0.25
CA GLY A 115 -5.42 -0.45 0.15
C GLY A 115 -5.12 -0.16 -1.31
N ILE A 116 -5.16 1.12 -1.68
CA ILE A 116 -5.00 1.51 -3.08
C ILE A 116 -3.53 1.54 -3.44
N MET A 117 -3.15 0.73 -4.43
CA MET A 117 -1.76 0.62 -4.88
C MET A 117 -1.50 1.41 -6.16
N ALA A 118 -2.33 2.40 -6.48
CA ALA A 118 -2.20 3.14 -7.73
C ALA A 118 -2.41 4.62 -7.46
N VAL A 119 -2.01 5.44 -8.43
CA VAL A 119 -2.16 6.89 -8.36
C VAL A 119 -3.56 7.26 -8.81
N PRO A 120 -4.10 8.41 -8.38
CA PRO A 120 -5.44 8.83 -8.81
C PRO A 120 -5.67 8.76 -10.31
N ALA A 121 -4.67 9.17 -11.10
CA ALA A 121 -4.86 9.18 -12.54
C ALA A 121 -4.99 7.78 -13.13
N MET A 122 -4.49 6.76 -12.45
CA MET A 122 -4.57 5.39 -12.93
C MET A 122 -5.86 4.69 -12.50
N ILE A 123 -6.60 5.28 -11.57
CA ILE A 123 -7.90 4.72 -11.18
C ILE A 123 -8.79 4.63 -12.40
N GLY A 124 -9.42 3.48 -12.58
CA GLY A 124 -10.25 3.22 -13.75
C GLY A 124 -9.54 2.49 -14.87
N GLN A 125 -8.22 2.39 -14.82
CA GLN A 125 -7.50 1.60 -15.81
C GLN A 125 -7.25 0.19 -15.29
N PRO A 126 -7.32 -0.81 -16.17
CA PRO A 126 -7.21 -2.21 -15.71
C PRO A 126 -5.93 -2.52 -14.95
N GLY A 127 -4.87 -1.74 -15.14
CA GLY A 127 -3.63 -1.98 -14.42
C GLY A 127 -3.63 -1.49 -12.99
N ALA A 128 -4.58 -0.63 -12.63
CA ALA A 128 -4.63 -0.10 -11.28
C ALA A 128 -4.99 -1.20 -10.29
N LEU A 129 -4.18 -1.34 -9.25
CA LEU A 129 -4.31 -2.40 -8.28
C LEU A 129 -4.84 -1.86 -6.96
N ILE A 130 -5.90 -2.47 -6.44
CA ILE A 130 -6.40 -2.20 -5.10
C ILE A 130 -6.55 -3.53 -4.39
N LEU A 131 -6.02 -3.62 -3.17
CA LEU A 131 -6.10 -4.82 -2.35
C LEU A 131 -7.28 -4.72 -1.41
N TYR A 132 -7.97 -5.83 -1.21
CA TYR A 132 -9.13 -5.89 -0.32
C TYR A 132 -9.02 -7.06 0.65
N SER A 133 -9.63 -6.88 1.82
CA SER A 133 -9.69 -7.94 2.81
C SER A 133 -11.00 -7.81 3.59
N GLY A 134 -11.46 -8.94 4.12
CA GLY A 134 -12.74 -9.02 4.79
C GLY A 134 -13.49 -10.25 4.32
N PRO A 135 -14.72 -10.42 4.79
CA PRO A 135 -15.48 -11.63 4.46
C PRO A 135 -15.60 -11.86 2.97
N GLU A 136 -15.40 -13.12 2.56
CA GLU A 136 -15.33 -13.47 1.15
C GLU A 136 -16.62 -13.16 0.41
N ASP A 137 -17.77 -13.39 1.07
CA ASP A 137 -19.05 -13.11 0.41
C ASP A 137 -19.29 -11.62 0.29
N VAL A 138 -18.80 -10.84 1.25
CA VAL A 138 -18.94 -9.38 1.16
C VAL A 138 -18.14 -8.87 -0.04
N PHE A 139 -16.92 -9.38 -0.21
CA PHE A 139 -16.14 -9.05 -1.39
C PHE A 139 -16.86 -9.51 -2.67
N ARG A 140 -17.40 -10.73 -2.66
CA ARG A 140 -18.08 -11.27 -3.83
C ARG A 140 -19.25 -10.38 -4.24
N ALA A 141 -20.10 -10.00 -3.27
CA ALA A 141 -21.26 -9.17 -3.60
C ALA A 141 -20.86 -7.80 -4.11
N GLY A 142 -19.66 -7.34 -3.79
CA GLY A 142 -19.27 -5.99 -4.17
C GLY A 142 -18.23 -5.89 -5.27
N ARG A 143 -17.68 -7.02 -5.73
CA ARG A 143 -16.48 -6.96 -6.55
C ARG A 143 -16.73 -6.31 -7.91
N GLU A 144 -17.93 -6.48 -8.47
CA GLU A 144 -18.22 -5.86 -9.76
C GLU A 144 -18.22 -4.35 -9.64
N THR A 145 -18.65 -3.82 -8.50
CA THR A 145 -18.56 -2.40 -8.25
C THR A 145 -17.11 -1.97 -8.05
N LEU A 146 -16.35 -2.76 -7.30
CA LEU A 146 -14.94 -2.45 -7.06
C LEU A 146 -14.13 -2.52 -8.35
N ALA A 147 -14.56 -3.34 -9.31
CA ALA A 147 -13.85 -3.46 -10.57
C ALA A 147 -13.85 -2.15 -11.36
N ALA A 148 -14.73 -1.21 -11.02
CA ALA A 148 -14.69 0.09 -11.68
C ALA A 148 -13.39 0.83 -11.38
N PHE A 149 -12.77 0.56 -10.23
CA PHE A 149 -11.52 1.20 -9.86
C PHE A 149 -10.31 0.57 -10.54
N GLY A 150 -10.48 -0.62 -11.11
CA GLY A 150 -9.34 -1.38 -11.62
C GLY A 150 -9.37 -2.79 -11.09
N ALA A 151 -8.20 -3.43 -10.98
CA ALA A 151 -8.15 -4.77 -10.43
C ALA A 151 -8.51 -4.75 -8.95
N ALA A 152 -9.25 -5.76 -8.51
CA ALA A 152 -9.65 -5.92 -7.12
C ALA A 152 -9.13 -7.27 -6.63
N HIS A 153 -8.13 -7.23 -5.76
CA HIS A 153 -7.40 -8.40 -5.31
C HIS A 153 -7.78 -8.71 -3.87
N TRP A 154 -8.60 -9.74 -3.66
CA TRP A 154 -9.00 -10.14 -2.32
C TRP A 154 -7.90 -10.97 -1.68
N LEU A 155 -7.45 -10.56 -0.49
CA LEU A 155 -6.32 -11.19 0.17
C LEU A 155 -6.71 -12.13 1.30
N GLY A 156 -7.97 -12.15 1.71
CA GLY A 156 -8.38 -13.04 2.78
C GLY A 156 -9.38 -12.43 3.73
N ALA A 157 -9.85 -13.23 4.69
CA ALA A 157 -10.94 -12.82 5.56
C ALA A 157 -10.48 -11.85 6.64
N ASP A 158 -9.21 -11.88 7.03
CA ASP A 158 -8.70 -10.97 8.04
C ASP A 158 -8.90 -9.53 7.59
N PRO A 159 -9.73 -8.75 8.30
CA PRO A 159 -9.96 -7.36 7.88
C PRO A 159 -8.68 -6.54 7.76
N GLY A 160 -7.64 -6.89 8.51
CA GLY A 160 -6.39 -6.18 8.41
C GLY A 160 -5.43 -6.68 7.35
N ALA A 161 -5.84 -7.63 6.50
CA ALA A 161 -4.90 -8.24 5.56
C ALA A 161 -4.52 -7.29 4.44
N ALA A 162 -5.47 -6.49 3.94
CA ALA A 162 -5.17 -5.58 2.84
C ALA A 162 -4.17 -4.50 3.25
N ALA A 163 -4.38 -3.89 4.43
CA ALA A 163 -3.46 -2.87 4.90
C ALA A 163 -2.08 -3.47 5.18
N LEU A 164 -2.03 -4.67 5.72
CA LEU A 164 -0.75 -5.33 5.99
C LEU A 164 0.06 -5.52 4.73
N HIS A 165 -0.56 -6.05 3.67
CA HIS A 165 0.16 -6.32 2.43
C HIS A 165 0.47 -5.03 1.68
N ASP A 166 -0.49 -4.10 1.67
CA ASP A 166 -0.25 -2.76 1.13
C ASP A 166 1.03 -2.18 1.70
N LEU A 167 1.11 -2.10 3.02
CA LEU A 167 2.23 -1.42 3.67
C LEU A 167 3.52 -2.20 3.49
N ALA A 168 3.44 -3.53 3.46
CA ALA A 168 4.62 -4.36 3.23
C ALA A 168 5.17 -4.13 1.82
N LEU A 169 4.27 -4.09 0.82
CA LEU A 169 4.69 -3.78 -0.55
C LEU A 169 5.32 -2.40 -0.63
N LEU A 170 4.77 -1.43 0.11
CA LEU A 170 5.33 -0.09 0.16
C LEU A 170 6.75 -0.12 0.74
N ALA A 171 6.94 -0.89 1.81
CA ALA A 171 8.27 -1.04 2.39
C ALA A 171 9.25 -1.60 1.37
N ALA A 172 8.82 -2.59 0.59
CA ALA A 172 9.71 -3.13 -0.44
C ALA A 172 9.99 -2.09 -1.53
N MET A 173 8.97 -1.31 -1.89
CA MET A 173 9.15 -0.28 -2.91
C MET A 173 10.10 0.82 -2.43
N TYR A 174 9.93 1.28 -1.19
CA TYR A 174 10.76 2.37 -0.68
C TYR A 174 12.20 1.91 -0.47
N GLY A 175 12.38 0.64 -0.12
CA GLY A 175 13.73 0.10 -0.09
C GLY A 175 14.40 0.12 -1.44
N MET A 176 13.73 -0.43 -2.46
CA MET A 176 14.27 -0.43 -3.81
C MET A 176 14.55 0.99 -4.32
N PHE A 177 13.60 1.90 -4.13
CA PHE A 177 13.78 3.27 -4.62
C PHE A 177 14.93 3.96 -3.90
N GLY A 178 15.04 3.74 -2.59
CA GLY A 178 16.13 4.35 -1.85
C GLY A 178 17.48 3.86 -2.31
N GLY A 179 17.59 2.57 -2.62
CA GLY A 179 18.83 2.05 -3.15
C GLY A 179 19.12 2.57 -4.54
N TYR A 180 18.11 2.64 -5.40
CA TYR A 180 18.28 3.20 -6.73
C TYR A 180 18.69 4.67 -6.65
N LEU A 181 18.03 5.44 -5.79
CA LEU A 181 18.32 6.87 -5.69
C LEU A 181 19.74 7.10 -5.18
N HIS A 182 20.19 6.28 -4.23
CA HIS A 182 21.59 6.38 -3.80
C HIS A 182 22.53 6.06 -4.95
N ALA A 183 22.22 5.00 -5.71
CA ALA A 183 23.06 4.59 -6.83
C ALA A 183 23.20 5.72 -7.85
N VAL A 184 22.09 6.36 -8.20
CA VAL A 184 22.15 7.41 -9.22
C VAL A 184 22.91 8.61 -8.68
N ALA A 185 22.84 8.86 -7.37
CA ALA A 185 23.62 9.95 -6.78
C ALA A 185 25.12 9.67 -6.90
N MET A 186 25.52 8.40 -6.72
CA MET A 186 26.93 8.03 -6.88
C MET A 186 27.40 8.25 -8.32
N ILE A 187 26.60 7.81 -9.29
CA ILE A 187 27.03 7.96 -10.67
C ILE A 187 26.88 9.40 -11.13
N ARG A 188 25.92 10.14 -10.58
CA ARG A 188 25.78 11.56 -10.90
C ARG A 188 27.01 12.34 -10.42
N ALA A 189 27.49 12.04 -9.21
CA ALA A 189 28.67 12.72 -8.69
C ALA A 189 29.90 12.47 -9.56
N ALA A 190 29.91 11.36 -10.30
CA ALA A 190 31.00 11.07 -11.24
C ALA A 190 30.73 11.60 -12.64
N GLY A 191 29.66 12.36 -12.83
CA GLY A 191 29.34 12.93 -14.14
C GLY A 191 28.70 11.97 -15.11
N VAL A 192 28.23 10.81 -14.66
CA VAL A 192 27.62 9.82 -15.55
C VAL A 192 26.11 10.04 -15.53
N PRO A 193 25.44 10.09 -16.68
CA PRO A 193 24.00 10.34 -16.67
C PRO A 193 23.22 9.14 -16.13
N ALA A 194 22.09 9.44 -15.48
CA ALA A 194 21.26 8.39 -14.93
C ALA A 194 20.55 7.61 -16.03
N THR A 195 20.30 8.23 -17.18
CA THR A 195 19.52 7.57 -18.23
C THR A 195 20.24 6.35 -18.76
N GLY A 196 21.56 6.43 -18.96
CA GLY A 196 22.30 5.29 -19.46
C GLY A 196 22.55 4.21 -18.45
N PHE A 197 22.46 4.55 -17.15
CA PHE A 197 22.63 3.59 -16.08
C PHE A 197 21.40 2.71 -15.89
N THR A 198 20.22 3.18 -16.29
CA THR A 198 18.98 2.50 -15.99
C THR A 198 18.92 1.07 -16.56
N PRO A 199 19.28 0.81 -17.82
CA PRO A 199 19.28 -0.60 -18.28
C PRO A 199 20.11 -1.55 -17.41
N LEU A 200 21.34 -1.16 -17.07
CA LEU A 200 22.16 -2.00 -16.20
C LEU A 200 21.46 -2.23 -14.87
N ALA A 201 20.92 -1.16 -14.27
CA ALA A 201 20.26 -1.30 -12.98
C ALA A 201 19.02 -2.18 -13.08
N THR A 202 18.21 -2.00 -14.13
CA THR A 202 17.00 -2.83 -14.29
C THR A 202 17.35 -4.29 -14.51
N ASP A 203 18.34 -4.57 -15.37
CA ASP A 203 18.77 -5.96 -15.54
C ASP A 203 19.25 -6.54 -14.23
N TRP A 204 20.06 -5.78 -13.50
CA TRP A 204 20.60 -6.24 -12.23
C TRP A 204 19.49 -6.52 -11.22
N LEU A 205 18.60 -5.56 -11.01
CA LEU A 205 17.54 -5.76 -10.02
C LEU A 205 16.56 -6.84 -10.45
N THR A 206 16.31 -6.98 -11.76
CA THR A 206 15.49 -8.09 -12.24
C THR A 206 16.15 -9.41 -11.88
N ALA A 207 17.48 -9.50 -12.04
CA ALA A 207 18.19 -10.70 -11.62
C ALA A 207 18.08 -10.90 -10.12
N MET A 208 18.16 -9.82 -9.34
CA MET A 208 18.09 -9.93 -7.89
C MET A 208 16.72 -10.40 -7.42
N LEU A 209 15.66 -10.09 -8.17
CA LEU A 209 14.33 -10.57 -7.81
C LEU A 209 14.26 -12.09 -7.82
N GLY A 210 15.13 -12.74 -8.59
CA GLY A 210 15.17 -14.19 -8.60
C GLY A 210 15.73 -14.79 -7.33
N ALA A 211 16.35 -13.99 -6.47
CA ALA A 211 16.84 -14.48 -5.19
C ALA A 211 15.76 -14.53 -4.13
N LEU A 212 14.59 -13.93 -4.39
CA LEU A 212 13.56 -13.83 -3.36
C LEU A 212 12.99 -15.19 -2.95
N PRO A 213 12.64 -16.12 -3.85
CA PRO A 213 12.06 -17.40 -3.40
C PRO A 213 12.93 -18.14 -2.40
N ALA A 214 14.24 -18.17 -2.62
CA ALA A 214 15.11 -18.86 -1.68
C ALA A 214 15.13 -18.15 -0.33
N LEU A 215 15.13 -16.82 -0.34
CA LEU A 215 15.07 -16.05 0.89
C LEU A 215 13.79 -16.38 1.67
N ALA A 216 12.66 -16.40 0.97
CA ALA A 216 11.39 -16.70 1.62
C ALA A 216 11.38 -18.13 2.17
N ARG A 217 11.98 -19.07 1.44
CA ARG A 217 12.06 -20.44 1.92
C ARG A 217 12.87 -20.52 3.21
N GLY A 218 13.97 -19.78 3.28
CA GLY A 218 14.77 -19.79 4.50
C GLY A 218 14.05 -19.18 5.67
N VAL A 219 13.30 -18.10 5.44
CA VAL A 219 12.55 -17.45 6.51
C VAL A 219 11.52 -18.41 7.09
N ASP A 220 10.72 -19.02 6.22
CA ASP A 220 9.68 -19.93 6.70
C ASP A 220 10.28 -21.19 7.31
N SER A 221 11.37 -21.68 6.75
CA SER A 221 11.94 -22.95 7.23
C SER A 221 12.80 -22.75 8.48
N GLY A 222 13.35 -21.56 8.67
CA GLY A 222 14.38 -21.37 9.67
C GLY A 222 15.73 -21.92 9.27
N ASP A 223 15.86 -22.48 8.08
CA ASP A 223 17.14 -22.97 7.56
C ASP A 223 17.73 -21.86 6.69
N HIS A 224 18.63 -21.07 7.27
CA HIS A 224 19.21 -19.93 6.56
C HIS A 224 20.45 -20.33 5.76
N ALA A 225 20.25 -21.32 4.89
CA ALA A 225 21.31 -21.75 4.00
C ALA A 225 21.72 -20.62 3.07
N ALA A 226 23.01 -20.50 2.83
CA ALA A 226 23.55 -19.44 1.99
C ALA A 226 23.62 -19.89 0.53
N ASP A 227 23.46 -18.95 -0.37
CA ASP A 227 23.55 -19.24 -1.83
C ASP A 227 24.95 -18.84 -2.26
N GLY A 228 25.94 -18.99 -1.37
CA GLY A 228 27.29 -18.54 -1.61
C GLY A 228 27.49 -17.09 -1.21
N SER A 229 26.44 -16.28 -1.29
CA SER A 229 26.51 -14.88 -0.87
C SER A 229 26.10 -14.81 0.60
N ALA A 230 27.09 -15.03 1.47
CA ALA A 230 26.84 -15.10 2.90
C ALA A 230 26.92 -13.72 3.54
N VAL A 231 26.28 -13.60 4.70
CA VAL A 231 26.20 -12.34 5.42
C VAL A 231 27.59 -11.75 5.67
N GLY A 232 28.54 -12.61 6.06
CA GLY A 232 29.85 -12.10 6.45
C GLY A 232 30.58 -11.43 5.31
N MET A 233 30.52 -12.03 4.11
CA MET A 233 31.19 -11.43 2.96
C MET A 233 30.49 -10.14 2.56
N GLN A 234 29.15 -10.15 2.55
CA GLN A 234 28.38 -8.96 2.22
C GLN A 234 28.66 -7.83 3.21
N ALA A 235 28.81 -8.18 4.48
CA ALA A 235 29.22 -7.18 5.46
C ALA A 235 30.60 -6.64 5.14
N ALA A 236 31.53 -7.51 4.73
CA ALA A 236 32.88 -7.05 4.41
C ALA A 236 32.91 -6.20 3.15
N ALA A 237 31.97 -6.41 2.23
CA ALA A 237 31.96 -5.65 0.97
C ALA A 237 31.23 -4.32 1.09
N PHE A 238 30.44 -4.13 2.16
CA PHE A 238 29.68 -2.91 2.30
C PHE A 238 30.58 -1.70 2.54
N GLY A 239 31.74 -1.92 3.14
CA GLY A 239 32.61 -0.81 3.48
C GLY A 239 33.11 -0.05 2.27
N ASN A 240 33.37 -0.75 1.17
CA ASN A 240 33.78 -0.09 -0.07
C ASN A 240 32.66 0.80 -0.59
N LEU A 241 31.41 0.35 -0.46
CA LEU A 241 30.28 1.15 -0.89
C LEU A 241 30.20 2.44 -0.08
N LEU A 242 30.43 2.36 1.23
CA LEU A 242 30.40 3.56 2.06
C LEU A 242 31.56 4.50 1.69
N ALA A 243 32.75 3.93 1.52
CA ALA A 243 33.92 4.74 1.19
C ALA A 243 33.76 5.42 -0.16
N ALA A 244 33.27 4.69 -1.16
CA ALA A 244 33.08 5.28 -2.48
C ALA A 244 32.03 6.38 -2.45
N SER A 245 31.00 6.22 -1.61
CA SER A 245 30.00 7.28 -1.46
C SER A 245 30.64 8.54 -0.90
N ARG A 246 31.48 8.39 0.14
CA ARG A 246 32.16 9.55 0.70
C ARG A 246 33.11 10.16 -0.33
N GLU A 247 33.75 9.32 -1.14
CA GLU A 247 34.62 9.82 -2.20
C GLU A 247 33.88 10.77 -3.13
N GLY A 248 32.63 10.45 -3.45
CA GLY A 248 31.83 11.30 -4.30
C GLY A 248 31.04 12.38 -3.61
N GLY A 249 31.20 12.55 -2.29
CA GLY A 249 30.42 13.54 -1.58
C GLY A 249 28.96 13.16 -1.44
N VAL A 250 28.65 11.87 -1.46
CA VAL A 250 27.28 11.38 -1.36
C VAL A 250 27.04 10.91 0.06
N SER A 251 25.95 11.38 0.66
CA SER A 251 25.56 10.95 2.00
C SER A 251 25.39 9.44 2.05
N THR A 252 25.74 8.84 3.18
CA THR A 252 25.57 7.41 3.41
C THR A 252 24.30 7.09 4.18
N SER A 253 23.43 8.09 4.39
CA SER A 253 22.27 7.93 5.27
C SER A 253 21.38 6.76 4.87
N LEU A 254 21.15 6.58 3.58
CA LEU A 254 20.24 5.52 3.13
C LEU A 254 20.83 4.14 3.32
N LEU A 255 22.16 4.02 3.48
CA LEU A 255 22.83 2.72 3.53
C LEU A 255 23.14 2.25 4.94
N GLU A 256 23.32 3.18 5.89
CA GLU A 256 23.70 2.83 7.26
C GLU A 256 22.86 1.74 7.93
N PRO A 257 21.51 1.74 7.81
CA PRO A 257 20.76 0.68 8.51
C PRO A 257 21.07 -0.71 8.02
N VAL A 258 21.33 -0.88 6.72
CA VAL A 258 21.65 -2.21 6.21
C VAL A 258 23.05 -2.62 6.69
N ARG A 259 24.00 -1.70 6.70
CA ARG A 259 25.32 -2.00 7.26
C ARG A 259 25.20 -2.48 8.70
N ARG A 260 24.48 -1.72 9.53
CA ARG A 260 24.35 -2.07 10.95
C ARG A 260 23.69 -3.44 11.11
N LEU A 261 22.65 -3.70 10.33
CA LEU A 261 21.98 -5.00 10.40
C LEU A 261 22.93 -6.13 10.02
N LEU A 262 23.76 -5.91 8.99
CA LEU A 262 24.73 -6.94 8.60
C LEU A 262 25.75 -7.16 9.72
N ASP A 263 26.30 -6.07 10.25
CA ASP A 263 27.26 -6.17 11.36
C ASP A 263 26.63 -6.87 12.56
N ASP A 264 25.37 -6.54 12.86
CA ASP A 264 24.69 -7.17 13.98
C ASP A 264 24.47 -8.66 13.72
N ALA A 265 24.20 -9.02 12.47
CA ALA A 265 24.03 -10.43 12.14
C ALA A 265 25.33 -11.21 12.33
N VAL A 266 26.45 -10.59 11.95
CA VAL A 266 27.77 -11.22 12.16
C VAL A 266 28.01 -11.40 13.65
N ARG A 267 27.78 -10.35 14.44
CA ARG A 267 27.90 -10.46 15.89
C ARG A 267 27.03 -11.57 16.45
N ALA A 268 25.83 -11.75 15.90
CA ALA A 268 24.92 -12.78 16.37
C ALA A 268 25.31 -14.17 15.90
N GLY A 269 26.37 -14.30 15.09
CA GLY A 269 26.84 -15.61 14.65
C GLY A 269 26.28 -16.09 13.32
N HIS A 270 25.78 -15.18 12.48
CA HIS A 270 25.12 -15.54 11.22
C HIS A 270 26.00 -15.27 10.01
N GLY A 271 27.31 -15.14 10.20
CA GLY A 271 28.19 -14.75 9.10
C GLY A 271 28.18 -15.73 7.94
N ALA A 272 27.93 -17.00 8.22
CA ALA A 272 27.94 -18.02 7.17
C ALA A 272 26.54 -18.27 6.60
N ASP A 273 25.53 -17.59 7.11
CA ASP A 273 24.15 -17.78 6.65
C ASP A 273 23.83 -16.81 5.52
N GLY A 274 22.68 -17.05 4.89
CA GLY A 274 22.14 -16.13 3.92
C GLY A 274 21.33 -15.03 4.58
N LEU A 275 20.85 -14.10 3.76
CA LEU A 275 20.15 -12.93 4.27
C LEU A 275 18.81 -13.26 4.91
N SER A 276 18.30 -14.49 4.75
CA SER A 276 17.07 -14.87 5.43
C SER A 276 17.23 -14.82 6.94
N ALA A 277 18.47 -14.91 7.44
CA ALA A 277 18.70 -14.81 8.87
C ALA A 277 18.47 -13.40 9.40
N LEU A 278 18.37 -12.40 8.52
CA LEU A 278 18.25 -11.02 8.98
C LEU A 278 16.84 -10.71 9.47
N VAL A 279 15.85 -11.49 9.05
CA VAL A 279 14.45 -11.14 9.28
C VAL A 279 14.14 -11.14 10.77
N ASP A 280 14.47 -12.24 11.46
CA ASP A 280 14.15 -12.35 12.88
C ASP A 280 14.99 -11.43 13.74
N LEU A 281 16.06 -10.86 13.19
CA LEU A 281 16.80 -9.84 13.90
C LEU A 281 16.04 -8.51 13.99
N LEU A 282 15.00 -8.33 13.20
CA LEU A 282 14.19 -7.11 13.25
C LEU A 282 13.10 -7.17 14.32
N ARG A 283 12.97 -8.30 15.02
CA ARG A 283 11.94 -8.44 16.04
C ARG A 283 12.31 -7.60 17.25
N GLN A 284 11.34 -6.86 17.78
CA GLN A 284 11.54 -6.09 19.01
C GLN A 284 10.55 -6.47 20.10
N SER A 285 9.67 -7.44 19.85
CA SER A 285 8.67 -7.88 20.81
C SER A 285 8.77 -9.38 21.08
PA NAP B . -6.47 14.86 -0.24
O1A NAP B . -5.67 15.60 0.77
O2A NAP B . -6.50 15.35 -1.64
O5B NAP B . -7.98 14.70 0.29
C5B NAP B . -8.28 14.50 1.69
C4B NAP B . -9.77 14.38 1.87
O4B NAP B . -10.08 14.32 3.29
C3B NAP B . -10.62 15.55 1.33
O3B NAP B . -11.78 15.07 0.67
C2B NAP B . -10.96 16.36 2.57
O2B NAP B . -12.20 17.04 2.45
C1B NAP B . -11.11 15.23 3.58
N9A NAP B . -11.01 15.66 4.97
C8A NAP B . -9.88 16.08 5.62
N7A NAP B . -10.10 16.41 6.87
C5A NAP B . -11.46 16.19 7.04
C6A NAP B . -12.30 16.36 8.15
N6A NAP B . -11.89 16.79 9.34
N1A NAP B . -13.61 16.03 8.00
C2A NAP B . -14.02 15.60 6.80
N3A NAP B . -13.32 15.41 5.69
C4A NAP B . -12.03 15.73 5.88
O3 NAP B . -5.96 13.34 -0.25
PN NAP B . -6.22 12.15 -1.29
O1N NAP B . -7.67 12.14 -1.65
O2N NAP B . -5.25 12.24 -2.42
O5D NAP B . -5.87 10.87 -0.40
C5D NAP B . -6.98 10.26 0.32
C4D NAP B . -6.58 8.87 0.77
O4D NAP B . -6.13 8.11 -0.37
C3D NAP B . -5.46 8.81 1.82
O3D NAP B . -5.79 7.92 2.87
C2D NAP B . -4.27 8.32 0.97
O2D NAP B . -3.29 7.63 1.72
C1D NAP B . -4.97 7.40 -0.03
N1N NAP B . -4.15 7.18 -1.26
C2N NAP B . -3.77 8.23 -2.05
C3N NAP B . -2.90 8.11 -3.08
C7N NAP B . -2.61 9.30 -3.89
O7N NAP B . -1.60 9.35 -4.61
N7N NAP B . -3.48 10.30 -3.84
C4N NAP B . -2.31 6.76 -3.36
C5N NAP B . -2.83 5.69 -2.50
C6N NAP B . -3.76 5.90 -1.59
P2B NAP B . -12.09 18.63 2.19
O1X NAP B . -12.14 18.86 0.70
O2X NAP B . -10.79 19.09 2.80
O3X NAP B . -13.28 19.20 2.90
#